data_1LV7
#
_entry.id   1LV7
#
_cell.length_a   53.152
_cell.length_b   53.152
_cell.length_c   189.066
_cell.angle_alpha   90.00
_cell.angle_beta   90.00
_cell.angle_gamma   90.00
#
_symmetry.space_group_name_H-M   'P 41 21 2'
#
loop_
_entity.id
_entity.type
_entity.pdbx_description
1 polymer FtsH
2 non-polymer 'SULFATE ION'
3 water water
#
_entity_poly.entity_id   1
_entity_poly.type   'polypeptide(L)'
_entity_poly.pdbx_seq_one_letter_code
;MLTEDQIKTTFADVAGCDEAKEEVAELVEYLREPSRFQKLGGKIPKGVLMVGPPGTGKTLLAKAIAGEAKVPFFTISGSD
FVEMFVGVGASRVRDMFEQAKKAAPCIIFIDEIDAVGRQRGAGLGGGHDEREQTLNQMLVEMDGFEGNEGIIVIAATNRP
DVLDPALLRPGRFDRQVVVGLPDVRGREQILKVHMRRVPLAPDIDAAIIARGTPGFSGADLANLVNEAALFAARGNKRVV
SMVEFEKAKDKIMMGLE
;
_entity_poly.pdbx_strand_id   A
#
loop_
_chem_comp.id
_chem_comp.type
_chem_comp.name
_chem_comp.formula
SO4 non-polymer 'SULFATE ION' 'O4 S -2'
#
# COMPACT_ATOMS: atom_id res chain seq x y z
N MET A 1 9.72 5.65 14.22
CA MET A 1 10.93 5.79 13.34
C MET A 1 10.56 6.28 11.97
N LEU A 2 11.43 7.09 11.38
CA LEU A 2 11.32 7.55 9.99
C LEU A 2 12.34 6.76 9.17
N THR A 3 11.86 6.06 8.15
CA THR A 3 12.77 5.42 7.20
C THR A 3 12.57 6.05 5.81
N GLU A 4 13.50 5.79 4.93
CA GLU A 4 13.45 6.24 3.53
C GLU A 4 13.80 5.02 2.65
N ASP A 5 13.03 4.83 1.60
CA ASP A 5 13.31 3.80 0.60
C ASP A 5 14.61 4.13 -0.13
N GLN A 6 15.48 3.17 -0.28
CA GLN A 6 16.76 3.37 -0.90
C GLN A 6 16.82 2.90 -2.34
N ILE A 7 15.78 2.23 -2.80
CA ILE A 7 15.65 1.80 -4.18
C ILE A 7 14.34 2.33 -4.69
N LYS A 8 14.37 2.93 -5.88
CA LYS A 8 13.17 3.50 -6.50
C LYS A 8 12.19 2.43 -6.97
N THR A 9 10.90 2.71 -6.79
CA THR A 9 9.83 1.91 -7.31
C THR A 9 9.09 2.79 -8.33
N THR A 10 8.76 2.24 -9.48
CA THR A 10 7.94 2.95 -10.47
C THR A 10 6.79 2.07 -10.87
N PHE A 11 5.97 2.56 -11.77
CA PHE A 11 4.83 1.77 -12.24
C PHE A 11 5.28 0.49 -12.95
N ALA A 12 6.49 0.48 -13.49
CA ALA A 12 7.05 -0.72 -14.11
C ALA A 12 7.20 -1.85 -13.12
N ASP A 13 7.31 -1.52 -11.82
CA ASP A 13 7.49 -2.53 -10.77
C ASP A 13 6.19 -3.07 -10.19
N VAL A 14 5.07 -2.54 -10.64
CA VAL A 14 3.75 -2.87 -10.13
C VAL A 14 3.03 -3.67 -11.22
N ALA A 15 2.71 -4.92 -10.93
CA ALA A 15 1.99 -5.77 -11.87
C ALA A 15 0.53 -5.39 -11.86
N GLY A 16 0.01 -5.05 -13.02
CA GLY A 16 -1.38 -4.69 -13.13
C GLY A 16 -1.64 -3.33 -12.48
N CYS A 17 -2.81 -3.22 -11.87
CA CYS A 17 -3.25 -1.98 -11.22
C CYS A 17 -3.44 -0.83 -12.18
N ASP A 18 -3.91 -1.11 -13.39
CA ASP A 18 -3.93 -0.06 -14.41
C ASP A 18 -4.87 1.07 -14.03
N GLU A 19 -5.99 0.72 -13.43
CA GLU A 19 -7.02 1.72 -13.09
C GLU A 19 -6.49 2.68 -12.01
N ALA A 20 -5.87 2.12 -11.00
CA ALA A 20 -5.37 2.95 -9.89
C ALA A 20 -4.18 3.76 -10.36
N LYS A 21 -3.37 3.21 -11.26
CA LYS A 21 -2.23 3.96 -11.82
C LYS A 21 -2.72 5.19 -12.54
N GLU A 22 -3.80 5.06 -13.32
CA GLU A 22 -4.43 6.22 -13.94
C GLU A 22 -4.98 7.22 -12.91
N GLU A 23 -5.63 6.72 -11.88
CA GLU A 23 -6.27 7.57 -10.88
C GLU A 23 -5.26 8.43 -10.11
N VAL A 24 -4.05 7.93 -9.91
CA VAL A 24 -3.03 8.66 -9.16
C VAL A 24 -2.19 9.61 -9.99
N ALA A 25 -2.51 9.75 -11.27
CA ALA A 25 -1.80 10.66 -12.19
C ALA A 25 -1.62 12.04 -11.60
N GLU A 26 -2.70 12.59 -11.05
CA GLU A 26 -2.75 13.92 -10.48
C GLU A 26 -1.75 14.03 -9.31
N LEU A 27 -1.60 12.96 -8.54
CA LEU A 27 -0.70 12.95 -7.39
C LEU A 27 0.76 13.00 -7.87
N VAL A 28 1.06 12.22 -8.90
CA VAL A 28 2.38 12.22 -9.51
C VAL A 28 2.69 13.65 -10.01
N GLU A 29 1.76 14.28 -10.71
CA GLU A 29 2.00 15.63 -11.24
C GLU A 29 2.21 16.67 -10.14
N TYR A 30 1.45 16.56 -9.07
CA TYR A 30 1.63 17.48 -7.94
C TYR A 30 3.05 17.34 -7.35
N LEU A 31 3.52 16.12 -7.16
CA LEU A 31 4.85 15.89 -6.57
C LEU A 31 5.98 16.36 -7.46
N ARG A 32 5.80 16.23 -8.77
CA ARG A 32 6.75 16.71 -9.77
C ARG A 32 6.86 18.23 -9.79
N GLU A 33 5.77 18.92 -9.48
CA GLU A 33 5.74 20.38 -9.66
C GLU A 33 4.59 21.00 -8.83
N PRO A 34 4.74 21.11 -7.52
CA PRO A 34 3.65 21.49 -6.62
C PRO A 34 3.12 22.88 -6.81
N SER A 35 4.00 23.76 -7.24
CA SER A 35 3.63 25.16 -7.39
C SER A 35 2.63 25.33 -8.53
N ARG A 36 2.67 24.43 -9.51
CA ARG A 36 1.71 24.41 -10.63
C ARG A 36 0.24 24.16 -10.24
N PHE A 37 0.01 23.49 -9.11
CA PHE A 37 -1.34 23.29 -8.56
C PHE A 37 -1.79 24.42 -7.62
N LYS A 43 -9.04 20.15 -4.53
CA LYS A 43 -8.04 21.04 -3.94
C LYS A 43 -6.68 20.36 -3.86
N ILE A 44 -5.72 21.02 -3.23
CA ILE A 44 -4.35 20.55 -3.21
C ILE A 44 -4.33 19.22 -2.43
N PRO A 45 -3.62 18.22 -2.92
CA PRO A 45 -3.49 16.97 -2.19
C PRO A 45 -2.70 17.14 -0.89
N LYS A 46 -3.17 16.50 0.18
CA LYS A 46 -2.57 16.61 1.52
C LYS A 46 -2.45 15.17 2.05
N GLY A 47 -3.56 14.55 2.37
CA GLY A 47 -3.59 13.18 2.82
C GLY A 47 -4.43 12.33 1.87
N VAL A 48 -3.90 11.16 1.55
CA VAL A 48 -4.54 10.23 0.63
C VAL A 48 -4.57 8.85 1.30
N LEU A 49 -5.74 8.24 1.34
CA LEU A 49 -5.85 6.86 1.78
C LEU A 49 -5.99 5.97 0.57
N MET A 50 -5.12 4.98 0.47
CA MET A 50 -5.26 3.88 -0.48
C MET A 50 -6.23 2.87 0.13
N VAL A 51 -7.37 2.65 -0.49
CA VAL A 51 -8.44 1.84 0.10
C VAL A 51 -8.66 0.59 -0.73
N GLY A 52 -8.50 -0.55 -0.08
CA GLY A 52 -8.70 -1.85 -0.71
C GLY A 52 -8.28 -2.97 0.21
N PRO A 53 -8.66 -4.19 -0.14
CA PRO A 53 -8.42 -5.34 0.71
C PRO A 53 -6.96 -5.77 0.72
N PRO A 54 -6.59 -6.70 1.59
CA PRO A 54 -5.21 -7.17 1.62
C PRO A 54 -4.73 -7.71 0.27
N GLY A 55 -3.49 -7.39 -0.05
CA GLY A 55 -2.81 -7.95 -1.20
C GLY A 55 -2.95 -7.23 -2.51
N THR A 56 -3.59 -6.06 -2.49
CA THR A 56 -3.78 -5.31 -3.74
C THR A 56 -2.61 -4.40 -4.03
N GLY A 57 -1.61 -4.38 -3.16
CA GLY A 57 -0.39 -3.60 -3.42
C GLY A 57 -0.54 -2.10 -3.13
N LYS A 58 -1.17 -1.78 -2.03
CA LYS A 58 -1.46 -0.38 -1.65
C LYS A 58 -0.20 0.39 -1.32
N THR A 59 0.61 -0.15 -0.44
CA THR A 59 1.86 0.50 -0.09
C THR A 59 2.80 0.53 -1.32
N LEU A 60 2.80 -0.55 -2.10
CA LEU A 60 3.60 -0.62 -3.31
C LEU A 60 3.22 0.50 -4.29
N LEU A 61 1.94 0.75 -4.47
CA LEU A 61 1.50 1.79 -5.38
C LEU A 61 1.96 3.14 -4.86
N ALA A 62 1.88 3.36 -3.55
CA ALA A 62 2.38 4.61 -2.96
C ALA A 62 3.87 4.84 -3.27
N LYS A 63 4.67 3.78 -3.10
CA LYS A 63 6.11 3.82 -3.43
C LYS A 63 6.27 4.17 -4.91
N ALA A 64 5.42 3.60 -5.75
CA ALA A 64 5.49 3.83 -7.19
C ALA A 64 5.17 5.26 -7.58
N ILE A 65 4.23 5.90 -6.90
CA ILE A 65 3.95 7.30 -7.14
C ILE A 65 5.22 8.11 -6.93
N ALA A 66 5.90 7.84 -5.81
CA ALA A 66 7.13 8.56 -5.50
C ALA A 66 8.18 8.38 -6.59
N GLY A 67 8.34 7.15 -7.10
CA GLY A 67 9.35 6.95 -8.11
C GLY A 67 8.95 7.53 -9.46
N GLU A 68 7.66 7.51 -9.78
CA GLU A 68 7.18 8.17 -11.00
C GLU A 68 7.49 9.67 -10.96
N ALA A 69 7.37 10.25 -9.76
CA ALA A 69 7.56 11.69 -9.59
C ALA A 69 9.03 12.06 -9.33
N LYS A 70 9.88 11.05 -9.12
CA LYS A 70 11.28 11.21 -8.74
C LYS A 70 11.46 11.98 -7.44
N VAL A 71 10.65 11.60 -6.45
CA VAL A 71 10.76 12.19 -5.11
C VAL A 71 10.99 11.09 -4.07
N PRO A 72 11.51 11.44 -2.90
CA PRO A 72 11.67 10.44 -1.84
C PRO A 72 10.40 9.83 -1.38
N PHE A 73 10.48 8.59 -0.91
CA PHE A 73 9.43 7.87 -0.23
C PHE A 73 9.91 7.57 1.19
N PHE A 74 9.24 8.22 2.14
CA PHE A 74 9.46 8.05 3.57
C PHE A 74 8.35 7.25 4.19
N THR A 75 8.68 6.50 5.23
CA THR A 75 7.71 5.81 6.06
C THR A 75 7.86 6.22 7.52
N ILE A 76 6.75 6.52 8.15
CA ILE A 76 6.68 6.74 9.59
C ILE A 76 6.05 5.57 10.28
N SER A 77 6.74 5.07 11.29
CA SER A 77 6.28 4.02 12.18
C SER A 77 5.95 4.67 13.52
N GLY A 78 4.83 4.26 14.08
CA GLY A 78 4.36 4.77 15.38
C GLY A 78 4.57 3.84 16.54
N SER A 79 5.44 2.84 16.39
CA SER A 79 5.75 1.97 17.50
C SER A 79 7.14 1.39 17.36
N ASP A 80 7.88 1.34 18.47
CA ASP A 80 9.22 0.75 18.45
C ASP A 80 9.18 -0.78 18.53
N PHE A 81 8.01 -1.37 18.82
CA PHE A 81 7.84 -2.80 19.00
C PHE A 81 7.03 -3.32 17.84
N VAL A 82 7.47 -4.43 17.24
CA VAL A 82 6.96 -4.75 15.91
C VAL A 82 5.62 -5.47 15.87
N GLU A 83 5.14 -5.95 17.01
CA GLU A 83 3.91 -6.76 17.11
C GLU A 83 2.82 -6.06 17.91
N MET A 84 3.11 -4.85 18.41
CA MET A 84 2.18 -4.13 19.24
C MET A 84 2.34 -2.65 19.04
N PHE A 85 1.23 -1.93 18.84
CA PHE A 85 1.26 -0.51 18.62
C PHE A 85 1.21 0.20 19.99
N VAL A 86 2.30 0.84 20.39
CA VAL A 86 2.36 1.53 21.67
C VAL A 86 2.53 3.03 21.57
N GLY A 87 2.63 3.54 20.35
CA GLY A 87 2.82 4.97 20.17
C GLY A 87 4.28 5.35 20.29
N VAL A 88 4.64 6.53 19.75
CA VAL A 88 5.94 7.16 19.98
C VAL A 88 5.85 8.54 20.62
N GLY A 89 4.65 9.12 20.61
CA GLY A 89 4.40 10.41 21.24
C GLY A 89 4.60 11.60 20.32
N ALA A 90 4.08 12.73 20.79
CA ALA A 90 3.98 13.93 19.94
C ALA A 90 5.35 14.44 19.51
N SER A 91 6.32 14.46 20.42
CA SER A 91 7.64 15.00 20.09
C SER A 91 8.33 14.20 18.98
N ARG A 92 8.28 12.87 19.09
CA ARG A 92 8.85 12.06 18.07
C ARG A 92 8.15 12.20 16.72
N VAL A 93 6.82 12.31 16.71
CA VAL A 93 6.09 12.57 15.46
C VAL A 93 6.54 13.88 14.84
N ARG A 94 6.61 14.93 15.65
CA ARG A 94 7.10 16.22 15.18
C ARG A 94 8.51 16.09 14.53
N ASP A 95 9.42 15.41 15.21
CA ASP A 95 10.78 15.23 14.70
C ASP A 95 10.80 14.47 13.37
N MET A 96 9.97 13.45 13.23
CA MET A 96 9.90 12.69 12.00
C MET A 96 9.36 13.57 10.86
N PHE A 97 8.32 14.37 11.10
CA PHE A 97 7.81 15.24 10.03
C PHE A 97 8.82 16.31 9.67
N GLU A 98 9.55 16.82 10.66
CA GLU A 98 10.49 17.92 10.42
C GLU A 98 11.61 17.37 9.53
N GLN A 99 12.08 16.17 9.79
CA GLN A 99 13.14 15.64 9.01
C GLN A 99 12.71 15.29 7.56
N ALA A 100 11.51 14.71 7.42
CA ALA A 100 11.02 14.40 6.08
C ALA A 100 10.78 15.67 5.26
N LYS A 101 10.28 16.72 5.92
CA LYS A 101 9.96 17.96 5.23
C LYS A 101 11.21 18.63 4.65
N LYS A 102 12.41 18.35 5.23
CA LYS A 102 13.69 18.81 4.69
C LYS A 102 13.88 18.38 3.25
N ALA A 103 13.27 17.27 2.90
CA ALA A 103 13.46 16.65 1.61
C ALA A 103 12.28 16.79 0.66
N ALA A 104 11.32 17.64 1.00
CA ALA A 104 10.18 17.82 0.13
C ALA A 104 10.62 18.41 -1.19
N PRO A 105 9.84 18.23 -2.25
CA PRO A 105 8.67 17.37 -2.32
C PRO A 105 8.92 15.92 -2.03
N CYS A 106 7.97 15.24 -1.38
CA CYS A 106 8.17 13.85 -0.98
C CYS A 106 6.85 13.20 -0.60
N ILE A 107 6.83 11.86 -0.50
CA ILE A 107 5.71 11.14 0.12
C ILE A 107 6.11 10.74 1.52
N ILE A 108 5.19 10.94 2.46
CA ILE A 108 5.32 10.43 3.82
C ILE A 108 4.20 9.40 4.02
N PHE A 109 4.57 8.15 4.19
CA PHE A 109 3.60 7.05 4.33
C PHE A 109 3.50 6.69 5.80
N ILE A 110 2.28 6.66 6.33
CA ILE A 110 2.04 6.30 7.73
C ILE A 110 1.71 4.83 7.79
N ASP A 111 2.62 4.05 8.32
CA ASP A 111 2.43 2.65 8.48
C ASP A 111 1.33 2.29 9.43
N GLU A 112 0.53 1.29 9.04
CA GLU A 112 -0.47 0.72 9.91
C GLU A 112 -1.47 1.73 10.45
N ILE A 113 -2.02 2.53 9.54
CA ILE A 113 -3.06 3.50 9.97
C ILE A 113 -4.24 2.84 10.67
N ASP A 114 -4.52 1.55 10.39
CA ASP A 114 -5.62 0.89 11.09
C ASP A 114 -5.38 0.86 12.59
N ALA A 115 -4.12 0.71 12.99
CA ALA A 115 -3.80 0.72 14.41
C ALA A 115 -3.69 2.13 14.97
N VAL A 116 -2.97 2.97 14.23
CA VAL A 116 -2.74 4.36 14.66
C VAL A 116 -4.07 5.09 14.84
N GLY A 117 -5.00 4.86 13.92
CA GLY A 117 -6.28 5.51 13.88
C GLY A 117 -7.41 4.76 14.53
N ARG A 118 -7.10 3.64 15.19
CA ARG A 118 -8.13 2.89 15.88
C ARG A 118 -8.77 3.77 16.95
N GLN A 119 -10.09 3.64 17.09
CA GLN A 119 -10.88 4.36 18.10
C GLN A 119 -10.79 3.66 19.43
N ARG A 120 -10.22 4.37 20.41
CA ARG A 120 -9.98 3.82 21.76
C ARG A 120 -10.64 4.56 22.94
N GLY A 121 -10.95 5.84 22.84
CA GLY A 121 -11.50 6.47 24.06
C GLY A 121 -13.00 6.54 24.40
N ALA A 122 -13.85 5.80 23.68
CA ALA A 122 -15.29 5.91 23.82
C ALA A 122 -15.75 7.37 23.64
N GLY A 123 -15.02 8.12 22.82
CA GLY A 123 -15.33 9.51 22.55
C GLY A 123 -14.83 10.46 23.62
N LEU A 124 -14.27 9.91 24.70
CA LEU A 124 -13.83 10.76 25.81
C LEU A 124 -12.37 11.20 25.71
N GLY A 125 -11.68 10.81 24.66
CA GLY A 125 -10.31 11.17 24.47
C GLY A 125 -9.36 10.22 25.14
N GLY A 126 -8.08 10.40 24.85
CA GLY A 126 -7.07 9.46 25.30
C GLY A 126 -6.11 10.03 26.32
N GLY A 127 -6.18 11.32 26.59
CA GLY A 127 -5.29 11.93 27.54
C GLY A 127 -3.83 11.67 27.26
N HIS A 128 -3.14 11.11 28.25
CA HIS A 128 -1.71 10.85 28.19
C HIS A 128 -1.33 9.48 27.60
N ASP A 129 -2.28 8.81 26.96
CA ASP A 129 -2.03 7.57 26.22
C ASP A 129 -1.17 7.96 25.01
N GLU A 130 0.06 7.45 24.93
CA GLU A 130 0.93 7.78 23.82
C GLU A 130 0.40 7.40 22.43
N ARG A 131 -0.48 6.43 22.37
CA ARG A 131 -1.10 6.07 21.10
C ARG A 131 -1.94 7.24 20.57
N GLU A 132 -2.80 7.79 21.41
CA GLU A 132 -3.57 8.98 20.96
C GLU A 132 -2.66 10.19 20.78
N GLN A 133 -1.63 10.33 21.61
CA GLN A 133 -0.72 11.45 21.42
C GLN A 133 -0.06 11.40 20.03
N THR A 134 0.25 10.18 19.59
CA THR A 134 0.85 9.94 18.28
C THR A 134 -0.12 10.29 17.16
N LEU A 135 -1.32 9.73 17.22
CA LEU A 135 -2.36 10.05 16.25
C LEU A 135 -2.59 11.57 16.19
N ASN A 136 -2.84 12.16 17.33
CA ASN A 136 -3.20 13.60 17.36
C ASN A 136 -2.10 14.43 16.73
N GLN A 137 -0.84 14.10 16.99
CA GLN A 137 0.23 14.90 16.42
C GLN A 137 0.33 14.73 14.91
N MET A 138 0.05 13.54 14.39
CA MET A 138 0.02 13.35 12.94
C MET A 138 -1.03 14.30 12.32
N LEU A 139 -2.20 14.40 12.93
CA LEU A 139 -3.24 15.32 12.46
C LEU A 139 -2.76 16.77 12.48
N VAL A 140 -2.14 17.15 13.60
CA VAL A 140 -1.64 18.50 13.74
C VAL A 140 -0.60 18.82 12.68
N GLU A 141 0.28 17.86 12.41
CA GLU A 141 1.35 18.12 11.43
C GLU A 141 0.72 18.36 10.04
N MET A 142 -0.25 17.53 9.66
CA MET A 142 -0.91 17.73 8.35
C MET A 142 -1.62 19.10 8.29
N ASP A 143 -2.25 19.53 9.40
CA ASP A 143 -2.89 20.84 9.45
C ASP A 143 -1.90 22.01 9.39
N GLY A 144 -0.63 21.75 9.67
CA GLY A 144 0.41 22.77 9.60
C GLY A 144 1.07 22.92 8.23
N PHE A 145 0.73 22.06 7.26
CA PHE A 145 1.31 22.15 5.92
C PHE A 145 0.75 23.41 5.28
N GLU A 146 1.63 24.12 4.63
CA GLU A 146 1.25 25.30 3.88
C GLU A 146 0.76 24.99 2.46
N GLY A 147 0.98 23.77 1.96
CA GLY A 147 0.48 23.32 0.66
C GLY A 147 1.27 23.74 -0.59
N ASN A 148 2.30 24.57 -0.40
CA ASN A 148 3.37 24.74 -1.40
C ASN A 148 4.54 23.74 -1.27
N GLU A 149 4.56 22.93 -0.21
CA GLU A 149 5.74 22.12 0.09
C GLU A 149 5.84 20.95 -0.90
N GLY A 150 4.73 20.47 -1.45
CA GLY A 150 4.77 19.23 -2.25
C GLY A 150 4.88 17.97 -1.42
N ILE A 151 4.21 17.94 -0.28
CA ILE A 151 4.18 16.74 0.55
C ILE A 151 2.83 16.10 0.47
N ILE A 152 2.81 14.82 0.15
CA ILE A 152 1.61 14.02 0.26
C ILE A 152 1.82 12.97 1.34
N VAL A 153 0.88 12.92 2.27
CA VAL A 153 0.86 11.93 3.33
C VAL A 153 -0.08 10.85 2.87
N ILE A 154 0.37 9.60 2.86
CA ILE A 154 -0.43 8.44 2.38
C ILE A 154 -0.50 7.36 3.45
N ALA A 155 -1.63 6.69 3.50
CA ALA A 155 -1.79 5.52 4.34
C ALA A 155 -2.70 4.53 3.62
N ALA A 156 -2.92 3.39 4.21
CA ALA A 156 -3.62 2.27 3.55
C ALA A 156 -4.53 1.50 4.49
N THR A 157 -5.74 1.21 4.04
CA THR A 157 -6.76 0.55 4.86
C THR A 157 -7.80 -0.10 3.95
N ASN A 158 -8.54 -1.07 4.47
CA ASN A 158 -9.77 -1.47 3.82
C ASN A 158 -11.02 -0.98 4.55
N ARG A 159 -10.86 -0.25 5.66
CA ARG A 159 -11.98 0.14 6.49
C ARG A 159 -11.85 1.59 6.93
N PRO A 160 -11.91 2.53 5.98
CA PRO A 160 -11.74 3.95 6.32
C PRO A 160 -12.74 4.45 7.34
N ASP A 161 -13.94 3.89 7.37
CA ASP A 161 -14.99 4.42 8.23
C ASP A 161 -14.94 3.94 9.68
N VAL A 162 -14.04 3.00 9.95
CA VAL A 162 -13.74 2.48 11.27
C VAL A 162 -12.63 3.36 11.91
N LEU A 163 -11.84 4.04 11.08
CA LEU A 163 -10.82 4.95 11.59
C LEU A 163 -11.47 6.09 12.37
N ASP A 164 -10.72 6.67 13.31
CA ASP A 164 -11.13 7.89 13.98
C ASP A 164 -11.55 8.91 12.94
N PRO A 165 -12.80 9.39 12.96
CA PRO A 165 -13.28 10.27 11.89
C PRO A 165 -12.48 11.58 11.85
N ALA A 166 -11.77 11.93 12.91
CA ALA A 166 -10.87 13.09 12.87
C ALA A 166 -9.86 12.99 11.72
N LEU A 167 -9.45 11.77 11.39
CA LEU A 167 -8.52 11.55 10.30
C LEU A 167 -9.04 11.94 8.93
N LEU A 168 -10.36 11.90 8.73
CA LEU A 168 -10.96 12.08 7.41
C LEU A 168 -11.51 13.47 7.16
N ARG A 169 -11.34 14.38 8.13
CA ARG A 169 -11.76 15.75 7.97
C ARG A 169 -11.04 16.48 6.86
N PRO A 170 -11.67 17.53 6.31
CA PRO A 170 -11.03 18.35 5.31
C PRO A 170 -9.66 18.78 5.74
N GLY A 171 -8.71 18.65 4.82
CA GLY A 171 -7.32 18.98 5.06
C GLY A 171 -6.44 17.87 5.59
N ARG A 172 -7.06 16.75 5.95
CA ARG A 172 -6.33 15.61 6.44
C ARG A 172 -6.45 14.50 5.40
N PHE A 173 -6.90 13.30 5.75
CA PHE A 173 -7.01 12.20 4.78
C PHE A 173 -8.38 12.30 4.10
N ASP A 174 -8.53 13.34 3.31
CA ASP A 174 -9.79 13.62 2.68
C ASP A 174 -9.91 13.21 1.20
N ARG A 175 -8.95 12.44 0.72
CA ARG A 175 -9.00 11.85 -0.64
C ARG A 175 -8.81 10.36 -0.40
N GLN A 176 -9.59 9.54 -1.09
CA GLN A 176 -9.41 8.08 -1.12
C GLN A 176 -9.14 7.67 -2.56
N VAL A 177 -8.21 6.74 -2.70
CA VAL A 177 -7.93 6.11 -3.99
C VAL A 177 -8.25 4.64 -3.84
N VAL A 178 -9.12 4.16 -4.71
CA VAL A 178 -9.48 2.76 -4.71
C VAL A 178 -8.36 1.91 -5.31
N VAL A 179 -7.89 0.93 -4.54
CA VAL A 179 -6.86 0.00 -5.00
C VAL A 179 -7.49 -1.37 -4.82
N GLY A 180 -8.27 -1.75 -5.83
CA GLY A 180 -9.09 -2.91 -5.71
C GLY A 180 -8.53 -4.18 -6.32
N LEU A 181 -9.31 -5.23 -6.13
CA LEU A 181 -8.92 -6.54 -6.68
C LEU A 181 -8.94 -6.48 -8.21
N PRO A 182 -8.04 -7.23 -8.84
CA PRO A 182 -8.01 -7.27 -10.30
C PRO A 182 -9.25 -7.99 -10.83
N ASP A 183 -9.76 -7.60 -11.98
CA ASP A 183 -10.76 -8.39 -12.67
C ASP A 183 -10.06 -9.51 -13.47
N VAL A 184 -10.82 -10.31 -14.22
CA VAL A 184 -10.24 -11.46 -14.90
C VAL A 184 -9.14 -11.11 -15.89
N ARG A 185 -9.28 -9.96 -16.55
CA ARG A 185 -8.21 -9.48 -17.43
C ARG A 185 -6.98 -9.08 -16.65
N GLY A 186 -7.17 -8.40 -15.51
CA GLY A 186 -6.12 -8.05 -14.59
C GLY A 186 -5.42 -9.24 -14.02
N ARG A 187 -6.16 -10.29 -13.72
CA ARG A 187 -5.50 -11.46 -13.15
C ARG A 187 -4.58 -12.13 -14.18
N GLU A 188 -5.05 -12.23 -15.42
CA GLU A 188 -4.22 -12.81 -16.47
C GLU A 188 -2.96 -11.98 -16.65
N GLN A 189 -3.12 -10.64 -16.67
CA GLN A 189 -2.00 -9.70 -16.78
C GLN A 189 -0.96 -9.91 -15.67
N ILE A 190 -1.45 -9.96 -14.44
CA ILE A 190 -0.59 -10.12 -13.27
C ILE A 190 0.09 -11.47 -13.26
N LEU A 191 -0.66 -12.52 -13.57
CA LEU A 191 -0.05 -13.84 -13.65
C LEU A 191 1.06 -13.92 -14.64
N LYS A 192 0.87 -13.34 -15.82
CA LYS A 192 1.91 -13.29 -16.81
C LYS A 192 3.17 -12.60 -16.28
N VAL A 193 3.03 -11.53 -15.52
CA VAL A 193 4.21 -10.88 -14.91
C VAL A 193 4.96 -11.86 -13.99
N HIS A 194 4.24 -12.50 -13.08
CA HIS A 194 4.86 -13.39 -12.08
C HIS A 194 5.33 -14.70 -12.67
N MET A 195 4.83 -15.09 -13.86
CA MET A 195 5.29 -16.30 -14.51
C MET A 195 6.46 -16.12 -15.46
N ARG A 196 6.85 -14.87 -15.75
CA ARG A 196 7.85 -14.62 -16.77
C ARG A 196 9.14 -15.38 -16.55
N ARG A 197 9.60 -15.48 -15.33
CA ARG A 197 10.89 -16.14 -15.08
C ARG A 197 10.73 -17.57 -14.55
N VAL A 198 9.52 -18.11 -14.61
CA VAL A 198 9.26 -19.47 -14.14
C VAL A 198 9.14 -20.37 -15.38
N PRO A 199 9.80 -21.51 -15.41
CA PRO A 199 9.67 -22.43 -16.54
C PRO A 199 8.27 -23.04 -16.61
N LEU A 200 7.59 -22.91 -17.76
CA LEU A 200 6.20 -23.33 -17.92
C LEU A 200 6.05 -24.51 -18.91
N ALA A 201 5.12 -25.40 -18.62
CA ALA A 201 4.78 -26.51 -19.50
C ALA A 201 3.97 -25.95 -20.66
N PRO A 202 3.92 -26.66 -21.78
CA PRO A 202 3.00 -26.30 -22.89
C PRO A 202 1.55 -26.13 -22.48
N ASP A 203 1.10 -26.90 -21.50
CA ASP A 203 -0.31 -26.81 -21.09
C ASP A 203 -0.70 -25.54 -20.29
N ILE A 204 0.28 -24.73 -19.90
CA ILE A 204 -0.02 -23.53 -19.12
C ILE A 204 -0.82 -22.52 -19.96
N ASP A 205 -1.93 -22.08 -19.40
CA ASP A 205 -2.76 -21.04 -19.99
C ASP A 205 -3.14 -20.06 -18.89
N ALA A 206 -2.55 -18.88 -18.91
CA ALA A 206 -2.83 -17.88 -17.87
C ALA A 206 -4.25 -17.39 -17.88
N ALA A 207 -4.91 -17.37 -19.03
CA ALA A 207 -6.31 -17.01 -19.10
C ALA A 207 -7.16 -18.03 -18.39
N ILE A 208 -6.81 -19.32 -18.52
CA ILE A 208 -7.59 -20.32 -17.82
C ILE A 208 -7.35 -20.22 -16.30
N ILE A 209 -6.11 -20.00 -15.90
CA ILE A 209 -5.84 -19.80 -14.47
C ILE A 209 -6.67 -18.62 -13.92
N ALA A 210 -6.71 -17.53 -14.67
CA ALA A 210 -7.46 -16.36 -14.29
C ALA A 210 -8.95 -16.64 -14.15
N ARG A 211 -9.51 -17.47 -15.05
CA ARG A 211 -10.93 -17.81 -14.97
C ARG A 211 -11.26 -18.50 -13.66
N GLY A 212 -10.33 -19.25 -13.15
CA GLY A 212 -10.58 -20.05 -11.96
C GLY A 212 -10.24 -19.38 -10.65
N THR A 213 -9.82 -18.11 -10.69
CA THR A 213 -9.33 -17.41 -9.48
C THR A 213 -10.08 -16.10 -9.19
N PRO A 214 -11.40 -16.07 -9.24
CA PRO A 214 -12.10 -14.80 -8.91
C PRO A 214 -11.75 -14.34 -7.50
N GLY A 215 -11.64 -13.03 -7.32
CA GLY A 215 -11.35 -12.46 -6.03
C GLY A 215 -9.94 -12.58 -5.52
N PHE A 216 -9.05 -13.20 -6.30
CA PHE A 216 -7.63 -13.25 -5.88
C PHE A 216 -7.02 -11.90 -6.01
N SER A 217 -6.28 -11.51 -4.96
CA SER A 217 -5.53 -10.26 -5.03
C SER A 217 -4.20 -10.42 -5.77
N GLY A 218 -3.48 -9.32 -6.02
CA GLY A 218 -2.17 -9.43 -6.57
C GLY A 218 -1.23 -10.32 -5.78
N ALA A 219 -1.25 -10.20 -4.45
CA ALA A 219 -0.41 -11.01 -3.60
C ALA A 219 -0.83 -12.45 -3.73
N ASP A 220 -2.14 -12.71 -3.74
CA ASP A 220 -2.64 -14.07 -3.90
C ASP A 220 -2.12 -14.68 -5.21
N LEU A 221 -2.11 -13.91 -6.29
CA LEU A 221 -1.63 -14.39 -7.59
C LEU A 221 -0.12 -14.65 -7.56
N ALA A 222 0.65 -13.76 -6.93
CA ALA A 222 2.08 -14.02 -6.78
C ALA A 222 2.33 -15.30 -5.99
N ASN A 223 1.55 -15.49 -4.94
CA ASN A 223 1.67 -16.68 -4.11
C ASN A 223 1.19 -17.94 -4.79
N LEU A 224 0.18 -17.81 -5.66
CA LEU A 224 -0.31 -18.92 -6.45
C LEU A 224 0.82 -19.44 -7.34
N VAL A 225 1.53 -18.55 -8.00
CA VAL A 225 2.66 -18.94 -8.86
C VAL A 225 3.75 -19.59 -7.97
N ASN A 226 4.06 -19.00 -6.83
CA ASN A 226 5.02 -19.59 -5.93
C ASN A 226 4.63 -20.98 -5.48
N GLU A 227 3.36 -21.16 -5.09
CA GLU A 227 2.92 -22.46 -4.58
C GLU A 227 2.89 -23.49 -5.70
N ALA A 228 2.56 -23.07 -6.91
CA ALA A 228 2.63 -23.98 -8.07
C ALA A 228 4.10 -24.43 -8.32
N ALA A 229 5.02 -23.46 -8.26
CA ALA A 229 6.43 -23.76 -8.40
C ALA A 229 6.92 -24.68 -7.28
N LEU A 230 6.44 -24.45 -6.05
CA LEU A 230 6.78 -25.34 -4.95
C LEU A 230 6.27 -26.75 -5.16
N PHE A 231 5.02 -26.90 -5.63
CA PHE A 231 4.51 -28.22 -5.95
C PHE A 231 5.34 -28.90 -7.07
N ALA A 232 5.77 -28.12 -8.05
CA ALA A 232 6.63 -28.67 -9.09
C ALA A 232 7.93 -29.18 -8.49
N ALA A 233 8.53 -28.42 -7.59
CA ALA A 233 9.76 -28.81 -6.94
C ALA A 233 9.54 -30.09 -6.12
N ARG A 234 8.42 -30.13 -5.41
CA ARG A 234 8.04 -31.26 -4.53
C ARG A 234 7.87 -32.53 -5.33
N GLY A 235 7.44 -32.39 -6.58
CA GLY A 235 7.23 -33.49 -7.48
C GLY A 235 8.42 -33.78 -8.40
N ASN A 236 9.49 -33.02 -8.19
CA ASN A 236 10.73 -33.10 -8.95
C ASN A 236 10.57 -32.85 -10.45
N LYS A 237 9.78 -31.84 -10.76
CA LYS A 237 9.45 -31.52 -12.14
C LYS A 237 10.28 -30.32 -12.60
N ARG A 238 10.77 -30.41 -13.82
CA ARG A 238 11.57 -29.33 -14.35
C ARG A 238 10.74 -28.10 -14.66
N VAL A 239 9.49 -28.27 -15.13
CA VAL A 239 8.65 -27.10 -15.43
C VAL A 239 7.41 -27.12 -14.58
N VAL A 240 6.69 -26.01 -14.54
CA VAL A 240 5.44 -25.89 -13.81
C VAL A 240 4.29 -26.10 -14.82
N SER A 241 3.39 -27.01 -14.52
CA SER A 241 2.21 -27.31 -15.37
C SER A 241 0.91 -26.95 -14.71
N MET A 242 -0.16 -27.08 -15.46
CA MET A 242 -1.45 -26.71 -14.94
C MET A 242 -1.83 -27.51 -13.71
N VAL A 243 -1.45 -28.78 -13.63
CA VAL A 243 -1.82 -29.52 -12.44
C VAL A 243 -1.17 -28.97 -11.17
N GLU A 244 0.03 -28.41 -11.26
CA GLU A 244 0.61 -27.75 -10.10
C GLU A 244 -0.15 -26.48 -9.72
N PHE A 245 -0.65 -25.76 -10.72
CA PHE A 245 -1.58 -24.66 -10.46
C PHE A 245 -2.87 -25.10 -9.79
N GLU A 246 -3.42 -26.25 -10.19
CA GLU A 246 -4.64 -26.76 -9.59
C GLU A 246 -4.37 -27.09 -8.13
N LYS A 247 -3.27 -27.75 -7.84
CA LYS A 247 -2.93 -28.09 -6.47
C LYS A 247 -2.71 -26.84 -5.64
N ALA A 248 -2.08 -25.84 -6.24
CA ALA A 248 -1.77 -24.59 -5.55
C ALA A 248 -3.04 -23.81 -5.25
N LYS A 249 -3.94 -23.77 -6.22
CA LYS A 249 -5.19 -23.00 -6.05
C LYS A 249 -5.99 -23.61 -4.91
N ASP A 250 -5.96 -24.93 -4.81
CA ASP A 250 -6.72 -25.66 -3.80
C ASP A 250 -6.11 -25.46 -2.43
N LYS A 251 -4.78 -25.47 -2.36
CA LYS A 251 -4.11 -25.34 -1.06
C LYS A 251 -4.47 -23.99 -0.50
N ILE A 252 -4.48 -22.98 -1.37
CA ILE A 252 -4.73 -21.60 -1.02
C ILE A 252 -6.20 -21.45 -0.58
N MET A 253 -7.11 -22.13 -1.26
CA MET A 253 -8.50 -22.22 -0.84
C MET A 253 -8.64 -23.27 0.26
N MET A 254 -7.95 -23.10 1.38
CA MET A 254 -8.08 -24.04 2.49
C MET A 254 -7.52 -23.27 3.64
N GLY A 255 -6.82 -22.20 3.28
CA GLY A 255 -6.59 -21.07 4.16
C GLY A 255 -7.80 -20.16 4.01
N LEU A 256 -8.86 -20.52 4.72
CA LEU A 256 -10.09 -19.75 4.76
C LEU A 256 -11.13 -20.55 5.53
S SO4 B . -1.06 -4.86 0.39
O1 SO4 B . -0.74 -5.67 -0.81
O2 SO4 B . -1.69 -5.70 1.41
O3 SO4 B . -1.95 -3.78 -0.02
O4 SO4 B . 0.19 -4.31 0.94
S SO4 C . -14.60 -5.97 1.50
O1 SO4 C . -15.55 -6.62 0.59
O2 SO4 C . -14.63 -6.70 2.77
O3 SO4 C . -15.02 -4.57 1.61
O4 SO4 C . -13.27 -6.08 0.92
S SO4 D . -16.04 18.88 9.11
O1 SO4 D . -16.52 18.79 7.73
O2 SO4 D . -15.20 17.70 9.40
O3 SO4 D . -17.17 18.83 10.06
O4 SO4 D . -15.27 20.12 9.21
S SO4 E . -5.80 -2.09 20.78
O1 SO4 E . -6.83 -2.97 20.24
O2 SO4 E . -5.17 -2.76 21.92
O3 SO4 E . -6.48 -0.87 21.25
O4 SO4 E . -4.79 -1.84 19.76
S SO4 F . 12.20 -12.86 -10.62
O1 SO4 F . 12.00 -14.27 -10.82
O2 SO4 F . 13.26 -12.66 -9.63
O3 SO4 F . 11.02 -12.18 -10.10
O4 SO4 F . 12.55 -12.27 -11.92
#